data_4LG2
#
_entry.id   4LG2
#
_cell.length_a   55.090
_cell.length_b   72.871
_cell.length_c   175.551
_cell.angle_alpha   90.00
_cell.angle_beta   90.00
_cell.angle_gamma   90.00
#
_symmetry.space_group_name_H-M   'P 21 21 21'
#
loop_
_entity.id
_entity.type
_entity.pdbx_description
1 polymer 'Polymerase cofactor'
2 polymer dsRNA
3 water water
#
loop_
_entity_poly.entity_id
_entity_poly.type
_entity_poly.pdbx_seq_one_letter_code
_entity_poly.pdbx_strand_id
1 'polypeptide(L)'
;MAHHHHHHVDDDDKENLYFQSKPYISAKDLKEIMYDHLPGFGTAFHQLVQVICKIGKDNNLLDTIHAEFQASLADGDSPQ
CALIQITKRVPIFQDVPPPIIHIRSRGDIPRACQKSLRPAPPSPKIDRGWVCLFKMQDGKTLGLKI
;
A,B,C,D
2 'polyribonucleotide' CUAGACGUCUAG E,F,J,I
#
loop_
_chem_comp.id
_chem_comp.type
_chem_comp.name
_chem_comp.formula
A RNA linking ADENOSINE-5'-MONOPHOSPHATE 'C10 H14 N5 O7 P'
C RNA linking CYTIDINE-5'-MONOPHOSPHATE 'C9 H14 N3 O8 P'
G RNA linking GUANOSINE-5'-MONOPHOSPHATE 'C10 H14 N5 O8 P'
U RNA linking URIDINE-5'-MONOPHOSPHATE 'C9 H13 N2 O9 P'
#
# COMPACT_ATOMS: atom_id res chain seq x y z
N ILE A 25 9.90 17.47 9.27
CA ILE A 25 9.18 18.05 8.14
C ILE A 25 9.64 17.47 6.80
N SER A 26 10.49 16.44 6.84
CA SER A 26 10.95 15.79 5.61
C SER A 26 10.06 14.62 5.22
N ALA A 27 10.13 14.22 3.95
CA ALA A 27 9.30 13.12 3.46
C ALA A 27 9.66 11.82 4.19
N LYS A 28 10.92 11.66 4.55
CA LYS A 28 11.30 10.44 5.25
C LYS A 28 10.84 10.42 6.69
N ASP A 29 10.88 11.57 7.36
CA ASP A 29 10.46 11.60 8.75
C ASP A 29 8.97 11.35 8.79
N LEU A 30 8.26 11.92 7.83
CA LEU A 30 6.83 11.74 7.79
C LEU A 30 6.47 10.29 7.43
N LYS A 31 7.20 9.72 6.49
CA LYS A 31 7.01 8.32 6.15
C LYS A 31 7.21 7.45 7.39
N GLU A 32 8.31 7.66 8.12
CA GLU A 32 8.61 6.84 9.29
C GLU A 32 7.57 7.02 10.41
N ILE A 33 7.15 8.27 10.63
CA ILE A 33 6.13 8.55 11.63
C ILE A 33 4.85 7.80 11.32
N MET A 34 4.45 7.83 10.05
CA MET A 34 3.21 7.15 9.65
C MET A 34 3.33 5.64 9.75
N TYR A 35 4.49 5.11 9.34
CA TYR A 35 4.73 3.66 9.40
C TYR A 35 4.72 3.18 10.85
N ASP A 36 5.20 4.02 11.75
CA ASP A 36 5.35 3.64 13.14
C ASP A 36 3.99 3.39 13.77
N HIS A 37 2.94 3.95 13.16
CA HIS A 37 1.60 3.85 13.72
C HIS A 37 0.78 2.76 13.06
N LEU A 38 1.30 2.19 11.97
CA LEU A 38 0.53 1.24 11.19
C LEU A 38 0.79 -0.20 11.57
N PRO A 39 -0.27 -1.03 11.55
CA PRO A 39 -0.10 -2.48 11.70
C PRO A 39 0.31 -3.12 10.38
N GLY A 40 0.89 -4.31 10.46
CA GLY A 40 1.32 -5.06 9.30
C GLY A 40 2.45 -4.42 8.51
N PHE A 41 2.75 -5.02 7.36
CA PHE A 41 3.82 -4.56 6.49
C PHE A 41 3.43 -4.75 5.03
N GLY A 42 3.76 -3.77 4.20
CA GLY A 42 3.43 -3.85 2.79
C GLY A 42 1.92 -3.87 2.57
N THR A 43 1.17 -3.22 3.46
CA THR A 43 -0.28 -3.15 3.34
C THR A 43 -0.62 -2.01 2.41
N ALA A 44 -1.90 -1.95 2.05
CA ALA A 44 -2.44 -0.88 1.20
C ALA A 44 -2.20 0.47 1.83
N PHE A 45 -2.19 0.49 3.15
CA PHE A 45 -2.01 1.77 3.82
C PHE A 45 -0.56 2.21 3.80
N HIS A 46 0.37 1.26 3.76
CA HIS A 46 1.78 1.63 3.64
C HIS A 46 2.00 2.26 2.27
N GLN A 47 1.40 1.65 1.25
CA GLN A 47 1.52 2.18 -0.09
C GLN A 47 0.88 3.57 -0.14
N LEU A 48 -0.25 3.71 0.52
CA LEU A 48 -0.92 5.00 0.58
C LEU A 48 -0.04 6.05 1.26
N VAL A 49 0.69 5.66 2.30
CA VAL A 49 1.69 6.55 2.90
C VAL A 49 2.66 6.98 1.84
N GLN A 50 3.15 6.03 1.04
CA GLN A 50 4.09 6.34 -0.03
C GLN A 50 3.53 7.41 -0.96
N VAL A 51 2.30 7.20 -1.42
CA VAL A 51 1.66 8.13 -2.32
C VAL A 51 1.46 9.53 -1.72
N ILE A 52 1.00 9.55 -0.46
CA ILE A 52 0.69 10.80 0.23
C ILE A 52 1.98 11.59 0.40
N CYS A 53 3.04 10.91 0.82
CA CYS A 53 4.31 11.59 1.03
C CYS A 53 4.94 12.06 -0.29
N LYS A 54 4.80 11.27 -1.34
CA LYS A 54 5.28 11.70 -2.65
C LYS A 54 4.61 13.00 -3.07
N ILE A 55 3.29 13.00 -3.08
CA ILE A 55 2.55 14.18 -3.52
C ILE A 55 2.83 15.38 -2.61
N GLY A 56 2.86 15.15 -1.30
CA GLY A 56 3.09 16.22 -0.35
C GLY A 56 4.46 16.84 -0.52
N LYS A 57 5.46 16.00 -0.73
CA LYS A 57 6.84 16.45 -0.97
C LYS A 57 6.92 17.24 -2.25
N ASP A 58 6.19 16.75 -3.26
CA ASP A 58 6.21 17.36 -4.58
C ASP A 58 5.62 18.74 -4.62
N ASN A 59 4.72 19.05 -3.71
CA ASN A 59 4.12 20.39 -3.70
C ASN A 59 4.23 21.13 -2.38
N ASN A 60 5.24 20.79 -1.59
CA ASN A 60 5.50 21.39 -0.29
C ASN A 60 4.25 21.56 0.56
N LEU A 61 3.59 20.44 0.82
CA LEU A 61 2.39 20.45 1.60
C LEU A 61 2.57 19.46 2.74
N LEU A 62 3.80 19.02 2.95
CA LEU A 62 4.10 18.06 4.00
C LEU A 62 3.64 18.51 5.37
N ASP A 63 3.91 19.77 5.69
CA ASP A 63 3.52 20.33 6.98
C ASP A 63 2.03 20.16 7.19
N THR A 64 1.24 20.59 6.20
CA THR A 64 -0.22 20.47 6.28
C THR A 64 -0.65 19.02 6.52
N ILE A 65 -0.15 18.12 5.68
CA ILE A 65 -0.44 16.70 5.75
C ILE A 65 -0.18 16.12 7.14
N HIS A 66 0.96 16.51 7.70
CA HIS A 66 1.36 16.15 9.04
C HIS A 66 0.35 16.66 10.08
N ALA A 67 0.02 17.94 9.97
CA ALA A 67 -0.94 18.56 10.88
C ALA A 67 -2.24 17.79 10.87
N GLU A 68 -2.67 17.39 9.67
CA GLU A 68 -3.94 16.71 9.56
C GLU A 68 -3.85 15.31 10.15
N PHE A 69 -2.73 14.62 9.93
CA PHE A 69 -2.52 13.30 10.51
C PHE A 69 -2.61 13.34 12.03
N GLN A 70 -1.94 14.29 12.66
CA GLN A 70 -2.06 14.30 14.11
C GLN A 70 -3.39 14.82 14.60
N ALA A 71 -3.99 15.78 13.90
CA ALA A 71 -5.36 16.20 14.24
C ALA A 71 -6.30 14.99 14.27
N SER A 72 -6.24 14.16 13.23
CA SER A 72 -7.05 12.95 13.19
C SER A 72 -6.76 12.03 14.36
N LEU A 73 -5.47 11.81 14.62
CA LEU A 73 -5.11 11.01 15.79
C LEU A 73 -5.75 11.60 17.06
N ALA A 74 -5.75 12.93 17.17
CA ALA A 74 -6.34 13.63 18.30
C ALA A 74 -7.87 13.47 18.35
N ASP A 75 -8.49 13.18 17.20
CA ASP A 75 -9.94 12.91 17.12
C ASP A 75 -10.27 11.49 17.53
N GLY A 76 -9.26 10.65 17.69
CA GLY A 76 -9.47 9.25 18.05
C GLY A 76 -9.48 8.34 16.83
N ASP A 77 -9.14 8.89 15.67
CA ASP A 77 -9.10 8.10 14.46
C ASP A 77 -7.94 7.12 14.47
N SER A 78 -8.18 5.94 13.92
CA SER A 78 -7.15 4.95 13.65
C SER A 78 -6.17 5.55 12.67
N PRO A 79 -4.91 5.11 12.71
CA PRO A 79 -3.91 5.64 11.74
C PRO A 79 -4.36 5.46 10.30
N GLN A 80 -5.08 4.38 10.01
CA GLN A 80 -5.62 4.14 8.68
C GLN A 80 -6.64 5.21 8.33
N CYS A 81 -7.56 5.42 9.27
CA CYS A 81 -8.60 6.42 9.12
C CYS A 81 -7.97 7.79 8.94
N ALA A 82 -6.94 8.08 9.72
CA ALA A 82 -6.21 9.33 9.60
C ALA A 82 -5.61 9.56 8.20
N LEU A 83 -4.98 8.54 7.62
CA LEU A 83 -4.43 8.68 6.27
C LEU A 83 -5.55 9.01 5.30
N ILE A 84 -6.68 8.33 5.48
CA ILE A 84 -7.85 8.59 4.64
C ILE A 84 -8.33 10.03 4.84
N GLN A 85 -8.27 10.51 6.08
CA GLN A 85 -8.68 11.87 6.36
C GLN A 85 -7.78 12.81 5.62
N ILE A 86 -6.51 12.47 5.49
CA ILE A 86 -5.58 13.29 4.71
C ILE A 86 -6.13 13.41 3.31
N THR A 87 -6.41 12.28 2.67
CA THR A 87 -6.97 12.31 1.32
C THR A 87 -8.26 13.12 1.21
N LYS A 88 -9.09 13.15 2.26
CA LYS A 88 -10.40 13.80 2.15
C LYS A 88 -10.39 15.29 2.48
N ARG A 89 -9.47 15.69 3.36
CA ARG A 89 -9.51 17.01 3.96
C ARG A 89 -8.46 17.94 3.37
N VAL A 90 -7.39 17.36 2.82
CA VAL A 90 -6.36 18.16 2.12
C VAL A 90 -6.70 18.22 0.63
N PRO A 91 -6.99 19.43 0.12
CA PRO A 91 -7.65 19.61 -1.19
C PRO A 91 -6.92 19.04 -2.42
N ILE A 92 -5.59 18.97 -2.41
CA ILE A 92 -4.84 18.54 -3.60
C ILE A 92 -5.12 17.09 -3.99
N PHE A 93 -5.51 16.28 -3.03
CA PHE A 93 -5.78 14.87 -3.30
C PHE A 93 -7.11 14.70 -4.01
N GLN A 94 -7.74 15.84 -4.28
CA GLN A 94 -8.97 15.87 -5.07
C GLN A 94 -8.64 16.18 -6.52
N ASP A 95 -7.39 16.58 -6.77
CA ASP A 95 -7.03 17.17 -8.05
C ASP A 95 -6.05 16.34 -8.83
N VAL A 96 -5.27 15.53 -8.13
CA VAL A 96 -4.32 14.65 -8.79
C VAL A 96 -4.91 13.26 -8.91
N PRO A 97 -4.60 12.59 -10.03
CA PRO A 97 -5.10 11.23 -10.20
C PRO A 97 -4.24 10.29 -9.39
N PRO A 98 -4.76 9.09 -9.09
CA PRO A 98 -3.91 8.08 -8.48
C PRO A 98 -2.69 7.88 -9.39
N PRO A 99 -1.47 7.91 -8.83
CA PRO A 99 -0.29 7.78 -9.68
C PRO A 99 -0.21 6.42 -10.36
N ILE A 100 0.36 6.38 -11.55
CA ILE A 100 0.61 5.10 -12.22
C ILE A 100 2.03 4.67 -11.88
N ILE A 101 2.17 3.46 -11.38
CA ILE A 101 3.48 2.93 -11.01
C ILE A 101 3.78 1.77 -11.92
N HIS A 102 4.82 1.90 -12.72
CA HIS A 102 5.14 0.85 -13.67
C HIS A 102 5.99 -0.21 -12.99
N ILE A 103 5.57 -1.46 -13.11
CA ILE A 103 6.33 -2.54 -12.52
C ILE A 103 6.48 -3.66 -13.53
N ARG A 104 7.40 -4.58 -13.26
CA ARG A 104 7.76 -5.64 -14.19
C ARG A 104 6.81 -6.80 -14.03
N SER A 105 6.74 -7.33 -12.82
CA SER A 105 5.78 -8.38 -12.54
C SER A 105 4.87 -7.94 -11.40
N ARG A 106 3.73 -8.61 -11.28
CA ARG A 106 2.76 -8.39 -10.21
C ARG A 106 3.35 -8.83 -8.87
N GLY A 107 4.44 -9.59 -8.93
CA GLY A 107 5.08 -10.05 -7.71
C GLY A 107 5.93 -8.98 -7.05
N ASP A 108 5.99 -7.80 -7.66
CA ASP A 108 6.70 -6.66 -7.11
C ASP A 108 5.78 -5.94 -6.14
N ILE A 109 4.49 -6.24 -6.24
CA ILE A 109 3.52 -5.70 -5.31
C ILE A 109 3.56 -6.53 -4.03
N PRO A 110 3.68 -5.87 -2.87
CA PRO A 110 3.73 -6.55 -1.57
C PRO A 110 2.53 -7.46 -1.33
N ARG A 111 2.76 -8.50 -0.56
CA ARG A 111 1.81 -9.58 -0.36
C ARG A 111 0.49 -9.07 0.20
N ALA A 112 0.59 -8.18 1.19
CA ALA A 112 -0.57 -7.59 1.87
C ALA A 112 -1.42 -6.75 0.93
N CYS A 113 -0.83 -6.32 -0.18
CA CYS A 113 -1.54 -5.51 -1.16
C CYS A 113 -2.29 -6.33 -2.19
N GLN A 114 -1.89 -7.58 -2.36
CA GLN A 114 -2.44 -8.46 -3.40
C GLN A 114 -3.97 -8.54 -3.40
N LYS A 115 -4.59 -8.75 -2.24
CA LYS A 115 -6.05 -8.89 -2.19
C LYS A 115 -6.79 -7.53 -2.30
N SER A 116 -6.08 -6.46 -2.60
CA SER A 116 -6.71 -5.16 -2.70
C SER A 116 -6.63 -4.62 -4.12
N LEU A 117 -6.09 -5.43 -5.02
CA LEU A 117 -5.95 -5.04 -6.40
C LEU A 117 -7.24 -5.37 -7.14
N ARG A 118 -7.66 -4.46 -8.01
CA ARG A 118 -8.87 -4.65 -8.77
C ARG A 118 -8.92 -3.71 -9.97
N PRO A 119 -9.68 -4.08 -11.01
CA PRO A 119 -9.78 -3.27 -12.22
C PRO A 119 -10.16 -1.82 -11.90
N ALA A 120 -9.54 -0.88 -12.61
CA ALA A 120 -9.79 0.53 -12.34
C ALA A 120 -11.10 1.00 -12.99
N PRO A 121 -11.84 1.85 -12.27
CA PRO A 121 -13.02 2.49 -12.82
C PRO A 121 -12.53 3.53 -13.81
N PRO A 122 -13.44 4.16 -14.58
CA PRO A 122 -13.04 5.15 -15.58
C PRO A 122 -12.17 6.27 -15.02
N SER A 123 -12.66 6.98 -13.99
CA SER A 123 -11.87 8.04 -13.35
C SER A 123 -11.76 7.76 -11.87
N PRO A 124 -10.82 6.88 -11.50
CA PRO A 124 -10.59 6.56 -10.09
C PRO A 124 -10.01 7.74 -9.34
N LYS A 125 -10.47 7.97 -8.12
CA LYS A 125 -9.98 9.07 -7.34
C LYS A 125 -9.34 8.65 -6.04
N ILE A 126 -8.29 9.37 -5.65
CA ILE A 126 -7.56 9.05 -4.45
C ILE A 126 -8.48 9.25 -3.25
N ASP A 127 -9.31 10.30 -3.28
CA ASP A 127 -10.17 10.57 -2.14
C ASP A 127 -11.36 9.61 -2.09
N ARG A 128 -11.42 8.66 -3.03
CA ARG A 128 -12.44 7.63 -2.96
C ARG A 128 -11.85 6.26 -2.70
N GLY A 129 -10.56 6.24 -2.40
CA GLY A 129 -9.93 5.02 -1.97
C GLY A 129 -8.93 4.43 -2.92
N TRP A 130 -8.80 5.03 -4.09
CA TRP A 130 -7.86 4.56 -5.12
C TRP A 130 -6.46 5.10 -4.85
N VAL A 131 -5.62 4.25 -4.28
CA VAL A 131 -4.28 4.65 -3.85
C VAL A 131 -3.38 4.91 -5.05
N CYS A 132 -3.36 3.97 -5.99
CA CYS A 132 -2.47 4.08 -7.14
C CYS A 132 -2.89 3.10 -8.23
N LEU A 133 -2.25 3.21 -9.40
CA LEU A 133 -2.51 2.26 -10.48
C LEU A 133 -1.24 1.51 -10.85
N PHE A 134 -1.28 0.18 -10.75
CA PHE A 134 -0.14 -0.63 -11.13
C PHE A 134 -0.19 -1.06 -12.59
N LYS A 135 0.75 -0.56 -13.37
CA LYS A 135 0.83 -0.87 -14.79
C LYS A 135 1.90 -1.94 -14.98
N MET A 136 1.47 -3.12 -15.44
CA MET A 136 2.37 -4.24 -15.67
C MET A 136 2.85 -4.23 -17.11
N GLN A 137 4.02 -4.79 -17.35
CA GLN A 137 4.62 -4.72 -18.68
C GLN A 137 3.90 -5.64 -19.66
N ASP A 138 3.07 -6.52 -19.14
CA ASP A 138 2.29 -7.40 -20.00
C ASP A 138 0.96 -6.78 -20.43
N GLY A 139 0.77 -5.50 -20.08
CA GLY A 139 -0.42 -4.79 -20.52
C GLY A 139 -1.45 -4.54 -19.42
N LYS A 140 -1.55 -5.50 -18.52
CA LYS A 140 -2.49 -5.46 -17.40
C LYS A 140 -2.41 -4.18 -16.57
N THR A 141 -3.55 -3.70 -16.08
CA THR A 141 -3.53 -2.56 -15.17
C THR A 141 -4.52 -2.85 -14.05
N LEU A 142 -4.06 -2.75 -12.82
CA LEU A 142 -4.91 -2.97 -11.66
C LEU A 142 -4.77 -1.85 -10.64
N GLY A 143 -5.90 -1.35 -10.16
CA GLY A 143 -5.87 -0.30 -9.17
C GLY A 143 -5.79 -0.87 -7.77
N LEU A 144 -5.21 -0.09 -6.85
CA LEU A 144 -5.12 -0.50 -5.47
C LEU A 144 -6.19 0.24 -4.71
N LYS A 145 -7.20 -0.48 -4.25
CA LYS A 145 -8.36 0.14 -3.64
C LYS A 145 -8.54 -0.23 -2.15
N ILE A 146 -8.59 0.78 -1.29
CA ILE A 146 -8.99 0.57 0.11
C ILE A 146 -10.51 0.75 0.31
N ILE B 25 -15.31 -14.11 20.76
CA ILE B 25 -14.56 -12.86 20.64
C ILE B 25 -13.77 -12.88 19.35
N SER B 26 -13.82 -11.78 18.59
CA SER B 26 -13.11 -11.71 17.33
C SER B 26 -11.68 -11.24 17.56
N ALA B 27 -10.82 -11.53 16.59
CA ALA B 27 -9.41 -11.18 16.70
C ALA B 27 -9.21 -9.67 16.73
N LYS B 28 -10.10 -8.94 16.09
CA LYS B 28 -9.93 -7.50 16.00
C LYS B 28 -10.29 -6.90 17.35
N ASP B 29 -11.29 -7.48 17.99
CA ASP B 29 -11.77 -6.99 19.26
C ASP B 29 -10.73 -7.26 20.33
N LEU B 30 -10.13 -8.44 20.25
CA LEU B 30 -9.11 -8.81 21.21
C LEU B 30 -7.88 -7.95 20.99
N LYS B 31 -7.54 -7.72 19.73
CA LYS B 31 -6.46 -6.84 19.34
C LYS B 31 -6.64 -5.46 19.94
N GLU B 32 -7.83 -4.88 19.80
CA GLU B 32 -8.06 -3.55 20.34
C GLU B 32 -8.01 -3.55 21.86
N ILE B 33 -8.56 -4.60 22.49
CA ILE B 33 -8.51 -4.70 23.94
C ILE B 33 -7.07 -4.70 24.44
N MET B 34 -6.24 -5.51 23.80
CA MET B 34 -4.85 -5.61 24.19
C MET B 34 -4.09 -4.31 23.91
N TYR B 35 -4.41 -3.68 22.79
CA TYR B 35 -3.78 -2.42 22.45
C TYR B 35 -4.13 -1.34 23.46
N ASP B 36 -5.38 -1.33 23.93
CA ASP B 36 -5.84 -0.27 24.81
C ASP B 36 -5.06 -0.27 26.12
N HIS B 37 -4.36 -1.37 26.40
CA HIS B 37 -3.56 -1.49 27.61
C HIS B 37 -2.08 -1.25 27.34
N LEU B 38 -1.71 -1.08 26.06
CA LEU B 38 -0.30 -0.93 25.72
C LEU B 38 0.05 0.56 25.54
N PRO B 39 1.20 0.97 26.10
CA PRO B 39 1.73 2.32 25.93
C PRO B 39 2.51 2.45 24.62
N GLY B 40 2.64 3.67 24.10
CA GLY B 40 3.38 3.89 22.86
C GLY B 40 2.71 3.27 21.64
N PHE B 41 3.44 3.24 20.52
CA PHE B 41 2.93 2.63 19.30
C PHE B 41 4.05 1.99 18.50
N GLY B 42 3.79 0.84 17.90
CA GLY B 42 4.80 0.16 17.12
C GLY B 42 5.95 -0.37 17.96
N THR B 43 5.65 -0.80 19.18
CA THR B 43 6.63 -1.41 20.04
C THR B 43 6.64 -2.91 19.76
N ALA B 44 7.60 -3.62 20.36
CA ALA B 44 7.68 -5.07 20.22
C ALA B 44 6.41 -5.74 20.75
N PHE B 45 5.81 -5.14 21.76
CA PHE B 45 4.60 -5.72 22.32
C PHE B 45 3.39 -5.50 21.40
N HIS B 46 3.41 -4.45 20.57
CA HIS B 46 2.32 -4.28 19.62
C HIS B 46 2.39 -5.36 18.57
N GLN B 47 3.60 -5.64 18.09
CA GLN B 47 3.79 -6.68 17.09
C GLN B 47 3.49 -8.04 17.68
N LEU B 48 3.86 -8.22 18.95
CA LEU B 48 3.53 -9.45 19.65
C LEU B 48 2.02 -9.64 19.81
N VAL B 49 1.29 -8.57 20.10
CA VAL B 49 -0.16 -8.63 20.11
C VAL B 49 -0.65 -9.13 18.75
N GLN B 50 -0.11 -8.55 17.68
CA GLN B 50 -0.50 -8.97 16.34
C GLN B 50 -0.24 -10.46 16.12
N VAL B 51 0.92 -10.95 16.54
CA VAL B 51 1.27 -12.36 16.38
C VAL B 51 0.36 -13.30 17.18
N ILE B 52 0.09 -12.93 18.44
CA ILE B 52 -0.73 -13.70 19.34
C ILE B 52 -2.15 -13.83 18.79
N CYS B 53 -2.70 -12.70 18.34
CA CYS B 53 -4.06 -12.69 17.81
C CYS B 53 -4.17 -13.41 16.46
N LYS B 54 -3.13 -13.29 15.64
CA LYS B 54 -3.07 -13.99 14.36
C LYS B 54 -3.12 -15.50 14.56
N ILE B 55 -2.20 -16.02 15.36
CA ILE B 55 -2.14 -17.45 15.58
C ILE B 55 -3.37 -17.98 16.34
N GLY B 56 -3.79 -17.22 17.34
CA GLY B 56 -4.93 -17.56 18.15
C GLY B 56 -6.18 -17.64 17.30
N LYS B 57 -6.32 -16.71 16.35
CA LYS B 57 -7.41 -16.78 15.39
C LYS B 57 -7.26 -18.00 14.48
N ASP B 58 -6.02 -18.32 14.11
CA ASP B 58 -5.78 -19.45 13.21
C ASP B 58 -6.24 -20.76 13.84
N ASN B 59 -6.32 -20.83 15.15
CA ASN B 59 -6.94 -22.05 15.71
C ASN B 59 -7.99 -21.92 16.83
N ASN B 60 -8.82 -20.88 16.79
CA ASN B 60 -9.85 -20.65 17.81
C ASN B 60 -9.33 -20.80 19.23
N LEU B 61 -8.32 -20.01 19.57
CA LEU B 61 -7.80 -20.04 20.91
C LEU B 61 -7.99 -18.62 21.41
N LEU B 62 -8.74 -17.85 20.63
CA LEU B 62 -9.06 -16.47 20.95
C LEU B 62 -9.72 -16.37 22.32
N ASP B 63 -10.70 -17.25 22.54
CA ASP B 63 -11.41 -17.31 23.82
C ASP B 63 -10.41 -17.55 24.93
N THR B 64 -9.61 -18.60 24.77
CA THR B 64 -8.59 -18.96 25.74
C THR B 64 -7.63 -17.82 26.02
N ILE B 65 -7.10 -17.23 24.95
CA ILE B 65 -6.19 -16.12 25.09
C ILE B 65 -6.84 -14.96 25.85
N HIS B 66 -8.08 -14.65 25.51
CA HIS B 66 -8.84 -13.59 26.16
C HIS B 66 -8.95 -13.85 27.65
N ALA B 67 -9.38 -15.06 27.98
CA ALA B 67 -9.54 -15.48 29.37
C ALA B 67 -8.23 -15.32 30.11
N GLU B 68 -7.13 -15.70 29.47
CA GLU B 68 -5.84 -15.68 30.12
C GLU B 68 -5.38 -14.26 30.39
N PHE B 69 -5.54 -13.42 29.38
CA PHE B 69 -5.23 -12.00 29.46
C PHE B 69 -6.00 -11.33 30.59
N GLN B 70 -7.28 -11.64 30.67
CA GLN B 70 -8.13 -10.99 31.65
C GLN B 70 -7.85 -11.48 33.06
N ALA B 71 -7.67 -12.78 33.22
CA ALA B 71 -7.28 -13.35 34.51
C ALA B 71 -6.00 -12.71 35.03
N SER B 72 -5.01 -12.63 34.15
CA SER B 72 -3.75 -12.02 34.50
C SER B 72 -3.94 -10.58 34.96
N LEU B 73 -4.64 -9.78 34.17
CA LEU B 73 -4.88 -8.40 34.58
C LEU B 73 -5.54 -8.33 35.95
N ALA B 74 -6.55 -9.17 36.19
CA ALA B 74 -7.25 -9.17 37.48
C ALA B 74 -6.36 -9.57 38.64
N ASP B 75 -5.33 -10.36 38.37
CA ASP B 75 -4.38 -10.78 39.39
C ASP B 75 -3.35 -9.67 39.65
N GLY B 76 -3.39 -8.61 38.85
CA GLY B 76 -2.52 -7.47 39.04
C GLY B 76 -1.27 -7.44 38.18
N ASP B 77 -1.18 -8.35 37.20
CA ASP B 77 -0.04 -8.34 36.28
C ASP B 77 -0.15 -7.21 35.27
N SER B 78 0.98 -6.61 34.91
CA SER B 78 0.99 -5.63 33.84
C SER B 78 0.57 -6.34 32.55
N PRO B 79 -0.09 -5.62 31.64
CA PRO B 79 -0.53 -6.22 30.38
C PRO B 79 0.63 -6.83 29.57
N GLN B 80 1.82 -6.26 29.72
CA GLN B 80 2.99 -6.79 29.06
C GLN B 80 3.30 -8.17 29.65
N CYS B 81 3.24 -8.25 30.97
CA CYS B 81 3.46 -9.52 31.64
C CYS B 81 2.42 -10.54 31.19
N ALA B 82 1.16 -10.10 31.08
CA ALA B 82 0.08 -10.96 30.61
C ALA B 82 0.36 -11.53 29.23
N LEU B 83 0.83 -10.68 28.31
CA LEU B 83 1.14 -11.13 26.97
C LEU B 83 2.25 -12.20 26.98
N ILE B 84 3.27 -11.94 27.76
CA ILE B 84 4.36 -12.91 27.84
C ILE B 84 3.91 -14.24 28.46
N GLN B 85 3.09 -14.14 29.49
CA GLN B 85 2.54 -15.32 30.13
C GLN B 85 1.69 -16.08 29.14
N ILE B 86 1.05 -15.36 28.23
CA ILE B 86 0.31 -16.01 27.16
C ILE B 86 1.22 -16.88 26.32
N THR B 87 2.29 -16.27 25.80
CA THR B 87 3.24 -17.06 25.01
C THR B 87 3.75 -18.30 25.79
N LYS B 88 3.82 -18.21 27.11
CA LYS B 88 4.35 -19.34 27.88
C LYS B 88 3.31 -20.40 28.25
N ARG B 89 2.07 -19.98 28.44
CA ARG B 89 1.05 -20.81 29.09
C ARG B 89 0.02 -21.41 28.13
N VAL B 90 -0.14 -20.78 26.96
CA VAL B 90 -1.07 -21.30 25.96
C VAL B 90 -0.30 -22.17 25.00
N PRO B 91 -0.70 -23.45 24.92
CA PRO B 91 0.09 -24.50 24.26
C PRO B 91 0.37 -24.22 22.79
N ILE B 92 -0.49 -23.48 22.11
CA ILE B 92 -0.26 -23.28 20.69
C ILE B 92 1.06 -22.55 20.44
N PHE B 93 1.45 -21.68 21.37
CA PHE B 93 2.67 -20.90 21.19
C PHE B 93 3.91 -21.69 21.55
N GLN B 94 3.72 -22.93 21.96
CA GLN B 94 4.86 -23.81 22.16
C GLN B 94 4.97 -24.81 21.01
N ASP B 95 3.99 -24.82 20.10
CA ASP B 95 3.94 -25.78 18.99
C ASP B 95 4.17 -25.09 17.65
N VAL B 96 3.89 -23.80 17.61
CA VAL B 96 4.16 -23.00 16.42
C VAL B 96 5.46 -22.20 16.53
N PRO B 97 6.19 -22.07 15.42
CA PRO B 97 7.40 -21.26 15.33
C PRO B 97 7.01 -19.82 15.13
N PRO B 98 7.95 -18.89 15.41
CA PRO B 98 7.73 -17.46 15.13
C PRO B 98 7.43 -17.28 13.67
N PRO B 99 6.37 -16.51 13.35
CA PRO B 99 5.97 -16.34 11.94
C PRO B 99 7.02 -15.59 11.16
N ILE B 100 7.17 -15.92 9.88
CA ILE B 100 8.09 -15.21 9.00
C ILE B 100 7.35 -14.14 8.23
N ILE B 101 7.83 -12.90 8.32
CA ILE B 101 7.22 -11.77 7.64
C ILE B 101 8.15 -11.18 6.59
N HIS B 102 7.70 -11.12 5.35
CA HIS B 102 8.51 -10.57 4.27
C HIS B 102 8.40 -9.05 4.15
N ILE B 103 9.54 -8.40 4.20
CA ILE B 103 9.59 -6.95 4.10
C ILE B 103 10.73 -6.56 3.18
N ARG B 104 10.79 -5.29 2.79
CA ARG B 104 11.79 -4.87 1.81
C ARG B 104 13.06 -4.42 2.51
N SER B 105 12.97 -3.42 3.39
CA SER B 105 14.12 -2.93 4.12
C SER B 105 13.94 -3.00 5.64
N ARG B 106 15.04 -2.94 6.38
CA ARG B 106 15.01 -2.88 7.83
C ARG B 106 14.32 -1.60 8.28
N GLY B 107 14.31 -0.61 7.40
CA GLY B 107 13.71 0.66 7.74
C GLY B 107 12.22 0.60 7.66
N ASP B 108 11.68 -0.56 7.34
CA ASP B 108 10.24 -0.75 7.34
C ASP B 108 9.73 -1.14 8.70
N ILE B 109 10.63 -1.65 9.53
CA ILE B 109 10.26 -2.04 10.88
C ILE B 109 10.19 -0.78 11.73
N PRO B 110 9.07 -0.62 12.46
CA PRO B 110 8.81 0.56 13.30
C PRO B 110 9.94 0.86 14.26
N ARG B 111 10.09 2.14 14.57
CA ARG B 111 11.25 2.62 15.31
C ARG B 111 11.42 1.96 16.68
N ALA B 112 10.32 1.84 17.43
CA ALA B 112 10.38 1.24 18.76
C ALA B 112 10.86 -0.21 18.75
N CYS B 113 10.75 -0.86 17.59
CA CYS B 113 11.16 -2.25 17.46
C CYS B 113 12.64 -2.38 17.09
N GLN B 114 13.21 -1.30 16.56
CA GLN B 114 14.58 -1.31 16.04
C GLN B 114 15.67 -1.88 16.98
N LYS B 115 15.73 -1.40 18.22
CA LYS B 115 16.75 -1.88 19.15
C LYS B 115 16.43 -3.24 19.76
N SER B 116 15.46 -3.93 19.16
CA SER B 116 15.08 -5.23 19.66
C SER B 116 15.34 -6.28 18.59
N LEU B 117 15.96 -5.86 17.49
CA LEU B 117 16.25 -6.74 16.35
C LEU B 117 17.60 -7.45 16.46
N ARG B 118 17.65 -8.72 16.05
CA ARG B 118 18.90 -9.47 16.16
C ARG B 118 18.95 -10.71 15.27
N PRO B 119 20.15 -11.19 14.95
CA PRO B 119 20.30 -12.41 14.14
C PRO B 119 19.51 -13.57 14.74
N ALA B 120 18.84 -14.35 13.92
CA ALA B 120 18.05 -15.48 14.41
C ALA B 120 18.88 -16.75 14.61
N PRO B 121 18.66 -17.45 15.73
CA PRO B 121 19.23 -18.76 16.03
C PRO B 121 18.56 -19.84 15.18
N PRO B 122 19.08 -21.08 15.21
CA PRO B 122 18.52 -22.19 14.44
C PRO B 122 17.04 -22.43 14.75
N SER B 123 16.71 -22.58 16.02
CA SER B 123 15.33 -22.85 16.39
C SER B 123 14.79 -21.84 17.40
N PRO B 124 14.37 -20.67 16.91
CA PRO B 124 13.82 -19.63 17.77
C PRO B 124 12.47 -20.07 18.32
N LYS B 125 12.22 -19.80 19.60
CA LYS B 125 10.95 -20.21 20.18
C LYS B 125 10.15 -19.00 20.61
N ILE B 126 8.84 -19.07 20.39
CA ILE B 126 7.95 -17.98 20.73
C ILE B 126 7.93 -17.77 22.25
N ASP B 127 7.97 -18.87 22.98
CA ASP B 127 7.93 -18.79 24.42
C ASP B 127 9.28 -18.34 24.99
N ARG B 128 10.25 -18.06 24.12
CA ARG B 128 11.56 -17.60 24.58
C ARG B 128 11.75 -16.16 24.17
N GLY B 129 10.70 -15.54 23.65
CA GLY B 129 10.76 -14.12 23.40
C GLY B 129 10.81 -13.76 21.94
N TRP B 130 10.89 -14.77 21.07
CA TRP B 130 10.96 -14.54 19.63
C TRP B 130 9.58 -14.31 19.02
N VAL B 131 9.28 -13.03 18.76
CA VAL B 131 7.97 -12.60 18.27
C VAL B 131 7.72 -12.95 16.82
N CYS B 132 8.68 -12.66 15.97
CA CYS B 132 8.51 -12.94 14.56
C CYS B 132 9.88 -12.94 13.91
N LEU B 133 9.94 -13.42 12.68
CA LEU B 133 11.17 -13.42 11.92
C LEU B 133 10.97 -12.58 10.68
N PHE B 134 11.78 -11.55 10.53
CA PHE B 134 11.69 -10.70 9.38
C PHE B 134 12.57 -11.21 8.26
N LYS B 135 11.96 -11.61 7.15
CA LYS B 135 12.73 -12.04 6.00
C LYS B 135 12.79 -10.92 4.96
N MET B 136 14.01 -10.49 4.70
CA MET B 136 14.31 -9.38 3.80
C MET B 136 14.63 -9.88 2.41
N GLN B 137 14.41 -9.04 1.41
CA GLN B 137 14.60 -9.49 0.04
C GLN B 137 16.09 -9.65 -0.28
N ASP B 138 16.94 -9.18 0.63
CA ASP B 138 18.39 -9.37 0.47
C ASP B 138 18.87 -10.70 1.01
N GLY B 139 17.95 -11.54 1.47
CA GLY B 139 18.32 -12.85 1.94
C GLY B 139 18.43 -12.87 3.46
N LYS B 140 19.01 -11.79 3.98
CA LYS B 140 19.27 -11.59 5.40
C LYS B 140 18.00 -11.83 6.24
N THR B 141 18.18 -12.24 7.49
CA THR B 141 17.05 -12.49 8.38
C THR B 141 17.25 -11.86 9.75
N LEU B 142 16.25 -11.13 10.22
CA LEU B 142 16.30 -10.55 11.56
C LEU B 142 15.07 -10.90 12.39
N GLY B 143 15.32 -11.39 13.59
CA GLY B 143 14.27 -11.71 14.54
C GLY B 143 13.98 -10.54 15.46
N LEU B 144 12.73 -10.49 15.93
CA LEU B 144 12.28 -9.53 16.92
C LEU B 144 12.21 -10.22 18.28
N LYS B 145 13.09 -9.83 19.20
CA LYS B 145 13.26 -10.56 20.46
C LYS B 145 12.88 -9.70 21.67
N ILE B 146 11.91 -10.17 22.46
CA ILE B 146 11.61 -9.48 23.72
C ILE B 146 12.48 -10.07 24.83
N ILE C 25 -10.67 -15.02 -21.08
CA ILE C 25 -10.99 -16.40 -20.74
C ILE C 25 -11.78 -16.51 -19.42
N SER C 26 -12.76 -17.41 -19.40
CA SER C 26 -13.58 -17.65 -18.21
C SER C 26 -12.97 -18.73 -17.32
N ALA C 27 -13.39 -18.77 -16.05
CA ALA C 27 -12.88 -19.75 -15.10
C ALA C 27 -13.31 -21.17 -15.46
N LYS C 28 -14.50 -21.29 -16.04
CA LYS C 28 -15.07 -22.58 -16.40
C LYS C 28 -14.32 -23.17 -17.59
N ASP C 29 -13.92 -22.30 -18.52
CA ASP C 29 -13.19 -22.73 -19.70
C ASP C 29 -11.80 -23.21 -19.36
N LEU C 30 -11.15 -22.52 -18.44
CA LEU C 30 -9.82 -22.90 -17.99
C LEU C 30 -9.89 -24.19 -17.16
N LYS C 31 -10.89 -24.30 -16.29
CA LYS C 31 -11.09 -25.53 -15.54
C LYS C 31 -11.22 -26.72 -16.48
N GLU C 32 -12.06 -26.57 -17.51
CA GLU C 32 -12.32 -27.65 -18.45
C GLU C 32 -11.05 -28.00 -19.25
N ILE C 33 -10.35 -26.96 -19.68
CA ILE C 33 -9.11 -27.11 -20.42
C ILE C 33 -8.03 -27.86 -19.61
N MET C 34 -7.89 -27.49 -18.34
CA MET C 34 -6.92 -28.13 -17.45
C MET C 34 -7.33 -29.57 -17.18
N TYR C 35 -8.63 -29.80 -17.08
CA TYR C 35 -9.20 -31.13 -16.84
C TYR C 35 -8.91 -32.10 -17.96
N ASP C 36 -9.00 -31.63 -19.20
CA ASP C 36 -8.82 -32.51 -20.34
C ASP C 36 -7.41 -33.07 -20.39
N HIS C 37 -6.53 -32.54 -19.54
CA HIS C 37 -5.14 -32.98 -19.51
C HIS C 37 -4.86 -33.90 -18.32
N LEU C 38 -5.83 -34.01 -17.43
CA LEU C 38 -5.63 -34.76 -16.19
C LEU C 38 -6.15 -36.18 -16.30
N PRO C 39 -5.38 -37.15 -15.77
CA PRO C 39 -5.86 -38.52 -15.74
C PRO C 39 -6.81 -38.73 -14.55
N GLY C 40 -7.72 -39.69 -14.65
CA GLY C 40 -8.65 -39.98 -13.58
C GLY C 40 -9.62 -38.86 -13.31
N PHE C 41 -10.36 -38.97 -12.21
CA PHE C 41 -11.32 -37.95 -11.84
C PHE C 41 -11.41 -37.79 -10.32
N GLY C 42 -11.57 -36.55 -9.86
CA GLY C 42 -11.65 -36.26 -8.45
C GLY C 42 -10.37 -36.52 -7.70
N THR C 43 -9.24 -36.31 -8.37
CA THR C 43 -7.94 -36.43 -7.73
C THR C 43 -7.57 -35.11 -7.09
N ALA C 44 -6.49 -35.11 -6.32
CA ALA C 44 -6.04 -33.90 -5.64
C ALA C 44 -5.77 -32.79 -6.65
N PHE C 45 -5.37 -33.18 -7.86
CA PHE C 45 -5.05 -32.20 -8.86
C PHE C 45 -6.30 -31.58 -9.47
N HIS C 46 -7.40 -32.31 -9.51
CA HIS C 46 -8.67 -31.75 -9.98
C HIS C 46 -9.14 -30.69 -8.99
N GLN C 47 -8.93 -31.00 -7.71
CA GLN C 47 -9.33 -30.10 -6.65
C GLN C 47 -8.47 -28.86 -6.78
N LEU C 48 -7.18 -29.08 -7.04
CA LEU C 48 -6.27 -27.98 -7.24
C LEU C 48 -6.65 -27.13 -8.46
N VAL C 49 -7.15 -27.76 -9.51
CA VAL C 49 -7.65 -27.02 -10.66
C VAL C 49 -8.75 -26.09 -10.20
N GLN C 50 -9.67 -26.64 -9.43
CA GLN C 50 -10.80 -25.86 -8.92
C GLN C 50 -10.34 -24.67 -8.10
N VAL C 51 -9.42 -24.92 -7.18
CA VAL C 51 -8.89 -23.88 -6.32
C VAL C 51 -8.15 -22.81 -7.14
N ILE C 52 -7.32 -23.25 -8.07
CA ILE C 52 -6.53 -22.33 -8.88
C ILE C 52 -7.43 -21.45 -9.73
N CYS C 53 -8.45 -22.03 -10.33
CA CYS C 53 -9.35 -21.25 -11.19
C CYS C 53 -10.22 -20.33 -10.36
N LYS C 54 -10.66 -20.80 -9.19
CA LYS C 54 -11.44 -19.98 -8.26
C LYS C 54 -10.69 -18.72 -7.86
N ILE C 55 -9.51 -18.92 -7.29
CA ILE C 55 -8.70 -17.80 -6.81
C ILE C 55 -8.22 -16.92 -7.97
N GLY C 56 -7.89 -17.56 -9.09
CA GLY C 56 -7.45 -16.83 -10.27
C GLY C 56 -8.53 -15.92 -10.83
N LYS C 57 -9.77 -16.38 -10.87
CA LYS C 57 -10.89 -15.56 -11.31
C LYS C 57 -11.12 -14.44 -10.31
N ASP C 58 -10.93 -14.74 -9.02
CA ASP C 58 -11.18 -13.74 -7.98
C ASP C 58 -10.25 -12.52 -8.07
N ASN C 59 -9.07 -12.67 -8.67
CA ASN C 59 -8.17 -11.53 -8.80
C ASN C 59 -7.70 -11.29 -10.22
N ASN C 60 -8.55 -11.65 -11.17
CA ASN C 60 -8.26 -11.43 -12.58
C ASN C 60 -6.86 -11.88 -12.97
N LEU C 61 -6.59 -13.16 -12.78
CA LEU C 61 -5.32 -13.72 -13.22
C LEU C 61 -5.48 -14.95 -14.11
N LEU C 62 -6.72 -15.19 -14.53
CA LEU C 62 -7.04 -16.33 -15.37
C LEU C 62 -6.15 -16.33 -16.61
N ASP C 63 -6.00 -15.15 -17.21
CA ASP C 63 -5.17 -14.95 -18.39
C ASP C 63 -3.73 -15.42 -18.19
N THR C 64 -3.06 -14.88 -17.17
CA THR C 64 -1.68 -15.23 -16.89
C THR C 64 -1.54 -16.74 -16.63
N ILE C 65 -2.39 -17.28 -15.76
CA ILE C 65 -2.40 -18.72 -15.44
C ILE C 65 -2.55 -19.60 -16.69
N HIS C 66 -3.43 -19.17 -17.59
CA HIS C 66 -3.63 -19.86 -18.85
C HIS C 66 -2.31 -19.89 -19.59
N ALA C 67 -1.69 -18.71 -19.70
CA ALA C 67 -0.42 -18.58 -20.38
C ALA C 67 0.65 -19.51 -19.82
N GLU C 68 0.71 -19.61 -18.49
CA GLU C 68 1.74 -20.39 -17.81
C GLU C 68 1.49 -21.89 -17.97
N PHE C 69 0.23 -22.28 -17.94
CA PHE C 69 -0.13 -23.66 -18.17
C PHE C 69 0.33 -24.06 -19.57
N GLN C 70 0.06 -23.18 -20.52
CA GLN C 70 0.38 -23.46 -21.92
C GLN C 70 1.88 -23.53 -22.14
N ALA C 71 2.58 -22.56 -21.55
CA ALA C 71 4.03 -22.56 -21.58
C ALA C 71 4.60 -23.86 -21.04
N SER C 72 4.19 -24.21 -19.81
CA SER C 72 4.68 -25.41 -19.12
C SER C 72 4.48 -26.66 -19.94
N LEU C 73 3.26 -26.85 -20.44
CA LEU C 73 2.97 -27.98 -21.32
C LEU C 73 3.88 -28.00 -22.56
N ALA C 74 4.04 -26.84 -23.20
CA ALA C 74 4.85 -26.72 -24.41
C ALA C 74 6.33 -27.03 -24.15
N ASP C 75 6.73 -26.84 -22.90
CA ASP C 75 8.09 -27.07 -22.41
C ASP C 75 8.33 -28.57 -22.16
N GLY C 76 7.27 -29.35 -22.23
CA GLY C 76 7.38 -30.78 -22.00
C GLY C 76 7.05 -31.14 -20.55
N ASP C 77 6.56 -30.17 -19.79
CA ASP C 77 6.15 -30.44 -18.41
C ASP C 77 4.86 -31.22 -18.40
N SER C 78 4.75 -32.18 -17.47
CA SER C 78 3.47 -32.86 -17.23
C SER C 78 2.48 -31.84 -16.67
N PRO C 79 1.18 -32.02 -16.97
CA PRO C 79 0.14 -31.11 -16.47
C PRO C 79 0.09 -30.97 -14.94
N GLN C 80 0.39 -32.03 -14.20
CA GLN C 80 0.43 -31.92 -12.75
C GLN C 80 1.60 -31.01 -12.36
N CYS C 81 2.73 -31.24 -13.01
CA CYS C 81 3.90 -30.41 -12.80
C CYS C 81 3.57 -28.96 -13.13
N ALA C 82 2.86 -28.73 -14.24
CA ALA C 82 2.45 -27.40 -14.65
C ALA C 82 1.62 -26.68 -13.59
N LEU C 83 0.63 -27.39 -13.05
CA LEU C 83 -0.25 -26.85 -12.02
C LEU C 83 0.54 -26.45 -10.78
N ILE C 84 1.51 -27.29 -10.44
CA ILE C 84 2.37 -26.99 -9.30
C ILE C 84 3.17 -25.72 -9.58
N GLN C 85 3.63 -25.59 -10.81
CA GLN C 85 4.41 -24.42 -11.19
C GLN C 85 3.57 -23.17 -11.11
N ILE C 86 2.29 -23.28 -11.46
CA ILE C 86 1.39 -22.17 -11.28
C ILE C 86 1.36 -21.79 -9.80
N THR C 87 1.15 -22.77 -8.92
CA THR C 87 1.18 -22.48 -7.48
C THR C 87 2.47 -21.79 -7.02
N LYS C 88 3.61 -22.08 -7.65
CA LYS C 88 4.87 -21.47 -7.20
C LYS C 88 5.26 -20.13 -7.88
N ARG C 89 4.84 -19.92 -9.13
CA ARG C 89 5.29 -18.80 -9.95
C ARG C 89 4.24 -17.69 -10.08
N VAL C 90 2.98 -18.00 -9.82
CA VAL C 90 1.94 -16.98 -9.86
C VAL C 90 1.77 -16.37 -8.48
N PRO C 91 2.00 -15.04 -8.37
CA PRO C 91 2.19 -14.38 -7.07
C PRO C 91 1.04 -14.56 -6.10
N ILE C 92 -0.18 -14.62 -6.62
CA ILE C 92 -1.35 -14.66 -5.75
C ILE C 92 -1.35 -15.93 -4.89
N PHE C 93 -0.71 -16.98 -5.39
CA PHE C 93 -0.66 -18.25 -4.70
C PHE C 93 0.41 -18.30 -3.62
N GLN C 94 1.10 -17.19 -3.42
CA GLN C 94 2.05 -17.07 -2.32
C GLN C 94 1.47 -16.38 -1.08
N ASP C 95 0.31 -15.74 -1.28
CA ASP C 95 -0.23 -14.77 -0.34
C ASP C 95 -1.60 -15.17 0.21
N VAL C 96 -2.28 -16.07 -0.49
CA VAL C 96 -3.59 -16.56 -0.07
C VAL C 96 -3.46 -17.85 0.71
N PRO C 97 -4.27 -18.04 1.76
CA PRO C 97 -4.22 -19.33 2.44
C PRO C 97 -4.98 -20.34 1.61
N PRO C 98 -4.71 -21.63 1.80
CA PRO C 98 -5.55 -22.63 1.12
C PRO C 98 -6.99 -22.38 1.49
N PRO C 99 -7.89 -22.36 0.49
CA PRO C 99 -9.28 -22.00 0.76
C PRO C 99 -9.96 -23.02 1.68
N ILE C 100 -10.89 -22.54 2.51
CA ILE C 100 -11.66 -23.44 3.36
C ILE C 100 -12.98 -23.77 2.71
N ILE C 101 -13.22 -25.06 2.53
CA ILE C 101 -14.48 -25.51 1.93
C ILE C 101 -15.23 -26.29 2.99
N HIS C 102 -16.46 -25.86 3.23
CA HIS C 102 -17.29 -26.47 4.24
C HIS C 102 -17.97 -27.69 3.66
N ILE C 103 -17.86 -28.81 4.36
CA ILE C 103 -18.53 -30.02 3.93
C ILE C 103 -19.21 -30.73 5.09
N ARG C 104 -19.91 -31.78 4.72
CA ARG C 104 -20.79 -32.51 5.62
C ARG C 104 -20.08 -33.71 6.27
N SER C 105 -19.67 -34.68 5.48
CA SER C 105 -18.91 -35.81 6.03
C SER C 105 -17.58 -35.98 5.28
N ARG C 106 -16.69 -36.79 5.83
CA ARG C 106 -15.42 -37.10 5.17
C ARG C 106 -15.67 -37.86 3.86
N GLY C 107 -16.84 -38.48 3.76
CA GLY C 107 -17.20 -39.23 2.56
C GLY C 107 -17.70 -38.37 1.43
N ASP C 108 -17.71 -37.06 1.64
CA ASP C 108 -18.10 -36.13 0.59
C ASP C 108 -16.88 -35.82 -0.27
N ILE C 109 -15.71 -36.06 0.32
CA ILE C 109 -14.45 -35.87 -0.38
C ILE C 109 -14.23 -37.07 -1.28
N PRO C 110 -13.95 -36.81 -2.57
CA PRO C 110 -13.74 -37.88 -3.56
C PRO C 110 -12.68 -38.88 -3.11
N ARG C 111 -12.82 -40.14 -3.55
CA ARG C 111 -11.95 -41.22 -3.05
C ARG C 111 -10.47 -41.01 -3.39
N ALA C 112 -10.19 -40.46 -4.57
CA ALA C 112 -8.80 -40.23 -4.97
C ALA C 112 -8.07 -39.29 -4.02
N CYS C 113 -8.84 -38.48 -3.29
CA CYS C 113 -8.33 -37.52 -2.32
C CYS C 113 -8.20 -38.08 -0.90
N GLN C 114 -8.91 -39.16 -0.61
CA GLN C 114 -8.99 -39.72 0.74
C GLN C 114 -7.64 -39.98 1.38
N LYS C 115 -6.76 -40.67 0.67
CA LYS C 115 -5.47 -41.03 1.25
C LYS C 115 -4.49 -39.85 1.25
N SER C 116 -4.99 -38.68 0.88
CA SER C 116 -4.16 -37.48 0.76
C SER C 116 -4.59 -36.45 1.79
N LEU C 117 -5.49 -36.84 2.69
CA LEU C 117 -5.95 -35.97 3.77
C LEU C 117 -5.03 -36.07 4.99
N ARG C 118 -4.84 -34.94 5.69
CA ARG C 118 -3.98 -34.92 6.87
C ARG C 118 -4.28 -33.66 7.72
N PRO C 119 -4.01 -33.74 9.04
CA PRO C 119 -4.21 -32.62 9.96
C PRO C 119 -3.50 -31.37 9.47
N ALA C 120 -4.15 -30.22 9.60
CA ALA C 120 -3.55 -28.99 9.11
C ALA C 120 -2.55 -28.42 10.11
N PRO C 121 -1.38 -27.99 9.61
CA PRO C 121 -0.32 -27.31 10.35
C PRO C 121 -0.78 -25.89 10.63
N PRO C 122 0.01 -25.12 11.38
CA PRO C 122 -0.37 -23.74 11.71
C PRO C 122 -0.67 -22.91 10.48
N SER C 123 0.31 -22.86 9.57
CA SER C 123 0.19 -22.07 8.36
C SER C 123 0.40 -22.92 7.12
N PRO C 124 -0.67 -23.60 6.69
CA PRO C 124 -0.57 -24.41 5.48
C PRO C 124 -0.38 -23.48 4.29
N LYS C 125 0.51 -23.84 3.37
CA LYS C 125 0.77 -22.98 2.22
C LYS C 125 0.45 -23.67 0.91
N ILE C 126 -0.15 -22.94 -0.02
CA ILE C 126 -0.56 -23.51 -1.29
C ILE C 126 0.62 -23.99 -2.11
N ASP C 127 1.69 -23.20 -2.08
CA ASP C 127 2.91 -23.48 -2.81
C ASP C 127 3.75 -24.58 -2.18
N ARG C 128 3.27 -25.14 -1.06
CA ARG C 128 3.98 -26.23 -0.40
C ARG C 128 3.12 -27.50 -0.49
N GLY C 129 2.04 -27.42 -1.26
CA GLY C 129 1.23 -28.60 -1.53
C GLY C 129 -0.18 -28.61 -0.96
N TRP C 130 -0.53 -27.60 -0.18
CA TRP C 130 -1.83 -27.54 0.48
C TRP C 130 -2.91 -26.98 -0.45
N VAL C 131 -3.71 -27.89 -1.00
CA VAL C 131 -4.71 -27.51 -2.00
C VAL C 131 -5.87 -26.76 -1.35
N CYS C 132 -6.38 -27.32 -0.26
CA CYS C 132 -7.49 -26.70 0.45
C CYS C 132 -7.61 -27.33 1.84
N LEU C 133 -8.44 -26.72 2.68
CA LEU C 133 -8.75 -27.27 3.99
C LEU C 133 -10.20 -27.63 4.01
N PHE C 134 -10.47 -28.89 4.29
CA PHE C 134 -11.84 -29.35 4.39
C PHE C 134 -12.28 -29.18 5.84
N LYS C 135 -13.19 -28.23 6.07
CA LYS C 135 -13.72 -28.01 7.41
C LYS C 135 -15.10 -28.64 7.45
N MET C 136 -15.22 -29.62 8.34
CA MET C 136 -16.44 -30.41 8.46
C MET C 136 -17.32 -29.74 9.51
N GLN C 137 -18.63 -29.92 9.41
CA GLN C 137 -19.58 -29.19 10.29
C GLN C 137 -19.61 -29.66 11.74
N ASP C 138 -18.94 -30.78 12.01
CA ASP C 138 -18.80 -31.29 13.37
C ASP C 138 -17.54 -30.77 14.04
N GLY C 139 -16.83 -29.89 13.35
CA GLY C 139 -15.64 -29.25 13.87
C GLY C 139 -14.34 -29.70 13.20
N LYS C 140 -14.29 -30.98 12.86
CA LYS C 140 -13.09 -31.57 12.24
C LYS C 140 -12.56 -30.80 11.01
N THR C 141 -11.24 -30.86 10.87
CA THR C 141 -10.55 -30.25 9.74
C THR C 141 -9.47 -31.18 9.18
N LEU C 142 -9.53 -31.38 7.88
CA LEU C 142 -8.52 -32.17 7.18
C LEU C 142 -8.02 -31.36 6.00
N GLY C 143 -6.71 -31.28 5.87
CA GLY C 143 -6.12 -30.58 4.75
C GLY C 143 -5.90 -31.55 3.61
N LEU C 144 -5.92 -31.02 2.38
CA LEU C 144 -5.62 -31.82 1.20
C LEU C 144 -4.20 -31.52 0.76
N LYS C 145 -3.31 -32.49 0.92
CA LYS C 145 -1.90 -32.22 0.68
C LYS C 145 -1.31 -33.06 -0.45
N ILE C 146 -0.77 -32.36 -1.46
CA ILE C 146 0.00 -33.00 -2.52
C ILE C 146 1.49 -33.08 -2.18
N ILE D 25 5.98 15.82 -23.68
CA ILE D 25 6.48 17.18 -23.52
C ILE D 25 7.17 17.42 -22.18
N SER D 26 8.42 17.88 -22.24
CA SER D 26 9.20 18.15 -21.05
C SER D 26 8.91 19.56 -20.57
N ALA D 27 9.30 19.85 -19.33
CA ALA D 27 9.07 21.16 -18.75
C ALA D 27 9.80 22.26 -19.50
N LYS D 28 10.98 21.97 -20.03
CA LYS D 28 11.77 23.02 -20.67
C LYS D 28 11.18 23.42 -22.02
N ASP D 29 10.68 22.44 -22.76
CA ASP D 29 10.13 22.74 -24.08
C ASP D 29 8.86 23.53 -23.95
N LEU D 30 8.05 23.16 -22.96
CA LEU D 30 6.81 23.85 -22.72
C LEU D 30 7.11 25.25 -22.20
N LYS D 31 8.13 25.38 -21.36
CA LYS D 31 8.59 26.67 -20.86
C LYS D 31 8.85 27.58 -22.04
N GLU D 32 9.59 27.06 -23.00
CA GLU D 32 9.95 27.84 -24.18
C GLU D 32 8.77 28.17 -25.08
N ILE D 33 7.87 27.20 -25.27
CA ILE D 33 6.67 27.43 -26.07
C ILE D 33 5.91 28.59 -25.43
N MET D 34 5.85 28.61 -24.10
CA MET D 34 5.18 29.70 -23.38
C MET D 34 5.93 31.03 -23.47
N TYR D 35 7.26 30.97 -23.43
CA TYR D 35 8.12 32.14 -23.55
C TYR D 35 8.04 32.86 -24.89
N ASP D 36 7.95 32.06 -25.95
CA ASP D 36 8.01 32.52 -27.33
C ASP D 36 6.82 33.43 -27.66
N HIS D 37 5.84 33.45 -26.76
CA HIS D 37 4.64 34.25 -26.94
C HIS D 37 4.69 35.52 -26.09
N LEU D 38 5.68 35.62 -25.22
CA LEU D 38 5.77 36.72 -24.25
C LEU D 38 6.72 37.85 -24.63
N PRO D 39 6.26 39.09 -24.44
CA PRO D 39 7.06 40.31 -24.65
C PRO D 39 7.94 40.64 -23.45
N GLY D 40 9.00 41.40 -23.68
CA GLY D 40 9.88 41.82 -22.61
C GLY D 40 10.70 40.71 -21.97
N PHE D 41 11.35 41.03 -20.86
CA PHE D 41 12.19 40.05 -20.19
C PHE D 41 12.05 40.18 -18.68
N GLY D 42 12.02 39.03 -18.02
CA GLY D 42 11.91 39.01 -16.57
C GLY D 42 10.60 39.58 -16.11
N THR D 43 9.54 39.35 -16.86
CA THR D 43 8.22 39.85 -16.46
C THR D 43 7.59 38.88 -15.46
N ALA D 44 6.48 39.32 -14.87
CA ALA D 44 5.74 38.50 -13.92
C ALA D 44 5.27 37.22 -14.60
N PHE D 45 5.01 37.32 -15.90
CA PHE D 45 4.49 36.21 -16.68
C PHE D 45 5.55 35.18 -17.05
N HIS D 46 6.80 35.61 -17.17
CA HIS D 46 7.90 34.69 -17.40
C HIS D 46 8.08 33.87 -16.13
N GLN D 47 7.92 34.56 -15.01
CA GLN D 47 8.04 33.94 -13.71
C GLN D 47 6.89 32.95 -13.52
N LEU D 48 5.70 33.35 -13.96
CA LEU D 48 4.52 32.51 -13.91
C LEU D 48 4.67 31.27 -14.80
N VAL D 49 5.32 31.44 -15.95
CA VAL D 49 5.67 30.33 -16.81
C VAL D 49 6.50 29.33 -16.02
N GLN D 50 7.50 29.85 -15.32
CA GLN D 50 8.33 28.99 -14.48
C GLN D 50 7.51 28.24 -13.42
N VAL D 51 6.63 28.96 -12.72
CA VAL D 51 5.81 28.35 -11.66
C VAL D 51 4.89 27.25 -12.21
N ILE D 52 4.24 27.54 -13.33
CA ILE D 52 3.33 26.59 -13.94
C ILE D 52 4.08 25.36 -14.40
N CYS D 53 5.23 25.57 -15.04
CA CYS D 53 5.98 24.45 -15.58
C CYS D 53 6.55 23.59 -14.47
N LYS D 54 7.00 24.22 -13.40
CA LYS D 54 7.42 23.51 -12.20
C LYS D 54 6.30 22.63 -11.66
N ILE D 55 5.15 23.22 -11.40
CA ILE D 55 4.06 22.48 -10.78
C ILE D 55 3.55 21.35 -11.68
N GLY D 56 3.41 21.63 -12.97
CA GLY D 56 2.97 20.62 -13.91
C GLY D 56 3.97 19.49 -14.00
N LYS D 57 5.25 19.85 -13.96
CA LYS D 57 6.31 18.87 -13.97
C LYS D 57 6.22 17.98 -12.73
N ASP D 58 5.96 18.60 -11.59
CA ASP D 58 5.91 17.87 -10.32
C ASP D 58 4.73 16.92 -10.21
N ASN D 59 3.64 17.19 -10.91
CA ASN D 59 2.49 16.30 -10.83
C ASN D 59 2.08 15.74 -12.18
N ASN D 60 3.04 15.70 -13.10
CA ASN D 60 2.84 15.16 -14.43
C ASN D 60 1.56 15.63 -15.10
N LEU D 61 1.43 16.95 -15.23
CA LEU D 61 0.24 17.54 -15.80
C LEU D 61 0.63 18.44 -16.97
N LEU D 62 1.87 18.30 -17.41
CA LEU D 62 2.41 19.08 -18.52
C LEU D 62 1.54 18.95 -19.78
N ASP D 63 1.13 17.72 -20.10
CA ASP D 63 0.27 17.47 -21.25
C ASP D 63 -1.05 18.24 -21.20
N THR D 64 -1.81 18.06 -20.11
CA THR D 64 -3.08 18.79 -19.96
C THR D 64 -2.90 20.30 -19.93
N ILE D 65 -1.93 20.77 -19.15
CA ILE D 65 -1.63 22.20 -19.10
C ILE D 65 -1.35 22.76 -20.49
N HIS D 66 -0.56 22.00 -21.24
CA HIS D 66 -0.25 22.33 -22.61
C HIS D 66 -1.53 22.46 -23.44
N ALA D 67 -2.35 21.43 -23.31
CA ALA D 67 -3.62 21.35 -24.02
C ALA D 67 -4.47 22.58 -23.74
N GLU D 68 -4.48 23.02 -22.48
CA GLU D 68 -5.26 24.19 -22.13
C GLU D 68 -4.62 25.47 -22.69
N PHE D 69 -3.29 25.52 -22.72
CA PHE D 69 -2.58 26.66 -23.30
C PHE D 69 -3.00 26.88 -24.76
N GLN D 70 -3.03 25.81 -25.54
CA GLN D 70 -3.46 25.98 -26.92
C GLN D 70 -4.96 26.19 -27.09
N ALA D 71 -5.77 25.54 -26.27
CA ALA D 71 -7.20 25.81 -26.30
C ALA D 71 -7.44 27.31 -26.15
N SER D 72 -6.75 27.90 -25.18
CA SER D 72 -6.81 29.34 -24.93
C SER D 72 -6.34 30.15 -26.14
N LEU D 73 -5.21 29.75 -26.72
CA LEU D 73 -4.73 30.37 -27.97
C LEU D 73 -5.78 30.29 -29.11
N ALA D 74 -6.46 29.15 -29.19
CA ALA D 74 -7.51 28.90 -30.16
C ALA D 74 -8.73 29.78 -29.91
N ASP D 75 -8.91 30.21 -28.67
CA ASP D 75 -9.99 31.14 -28.34
C ASP D 75 -9.65 32.58 -28.70
N GLY D 76 -8.38 32.85 -29.00
CA GLY D 76 -7.97 34.18 -29.38
C GLY D 76 -7.45 34.95 -28.18
N ASP D 77 -7.30 34.27 -27.06
CA ASP D 77 -6.79 34.91 -25.84
C ASP D 77 -5.32 35.27 -26.04
N SER D 78 -4.92 36.38 -25.43
CA SER D 78 -3.52 36.77 -25.36
C SER D 78 -2.79 35.67 -24.57
N PRO D 79 -1.52 35.43 -24.91
CA PRO D 79 -0.72 34.39 -24.25
C PRO D 79 -0.65 34.58 -22.73
N GLN D 80 -0.60 35.84 -22.30
CA GLN D 80 -0.60 36.13 -20.88
C GLN D 80 -1.93 35.66 -20.34
N CYS D 81 -2.99 36.07 -21.04
CA CYS D 81 -4.33 35.65 -20.68
C CYS D 81 -4.44 34.15 -20.67
N ALA D 82 -3.86 33.49 -21.68
CA ALA D 82 -3.86 32.03 -21.76
C ALA D 82 -3.27 31.38 -20.51
N LEU D 83 -2.14 31.91 -20.05
CA LEU D 83 -1.51 31.38 -18.85
C LEU D 83 -2.45 31.55 -17.64
N ILE D 84 -3.09 32.71 -17.57
CA ILE D 84 -4.02 32.94 -16.47
C ILE D 84 -5.16 31.92 -16.58
N GLN D 85 -5.57 31.58 -17.80
CA GLN D 85 -6.60 30.59 -18.03
C GLN D 85 -6.17 29.24 -17.48
N ILE D 86 -4.87 28.96 -17.58
CA ILE D 86 -4.33 27.77 -16.96
C ILE D 86 -4.56 27.84 -15.45
N THR D 87 -4.17 28.94 -14.83
CA THR D 87 -4.40 29.07 -13.39
C THR D 87 -5.87 28.89 -13.01
N LYS D 88 -6.78 29.28 -13.90
CA LYS D 88 -8.22 29.27 -13.59
C LYS D 88 -8.91 27.93 -13.86
N ARG D 89 -8.38 27.17 -14.83
CA ARG D 89 -9.10 26.04 -15.39
C ARG D 89 -8.55 24.66 -15.00
N VAL D 90 -7.25 24.57 -14.73
CA VAL D 90 -6.68 23.31 -14.24
C VAL D 90 -6.59 23.39 -12.70
N PRO D 91 -7.32 22.51 -12.02
CA PRO D 91 -7.72 22.62 -10.61
C PRO D 91 -6.58 22.70 -9.60
N ILE D 92 -5.44 22.09 -9.88
CA ILE D 92 -4.36 22.01 -8.91
C ILE D 92 -3.84 23.38 -8.49
N PHE D 93 -4.01 24.39 -9.34
CA PHE D 93 -3.49 25.72 -9.04
C PHE D 93 -4.35 26.44 -8.04
N GLN D 94 -5.39 25.78 -7.56
CA GLN D 94 -6.20 26.33 -6.48
C GLN D 94 -5.66 25.83 -5.15
N ASP D 95 -4.83 24.81 -5.23
CA ASP D 95 -4.50 24.01 -4.05
C ASP D 95 -3.03 23.97 -3.64
N VAL D 96 -2.13 24.32 -4.54
CA VAL D 96 -0.73 24.45 -4.17
C VAL D 96 -0.45 25.93 -3.89
N PRO D 97 0.40 26.21 -2.90
CA PRO D 97 0.69 27.61 -2.59
C PRO D 97 1.68 28.19 -3.58
N PRO D 98 1.71 29.52 -3.74
CA PRO D 98 2.74 30.17 -4.54
C PRO D 98 4.11 29.77 -4.00
N PRO D 99 5.02 29.37 -4.89
CA PRO D 99 6.33 28.88 -4.42
C PRO D 99 7.14 29.97 -3.74
N ILE D 100 7.94 29.59 -2.75
CA ILE D 100 8.80 30.54 -2.07
C ILE D 100 10.13 30.55 -2.79
N ILE D 101 10.57 31.72 -3.21
CA ILE D 101 11.86 31.82 -3.86
C ILE D 101 12.75 32.65 -2.95
N HIS D 102 13.86 32.05 -2.52
CA HIS D 102 14.76 32.69 -1.58
C HIS D 102 15.71 33.62 -2.31
N ILE D 103 15.80 34.85 -1.82
CA ILE D 103 16.67 35.84 -2.42
C ILE D 103 17.47 36.55 -1.39
N ARG D 104 18.43 37.32 -1.88
CA ARG D 104 19.27 38.07 -0.99
C ARG D 104 18.71 39.52 -0.83
N SER D 105 18.56 40.28 -1.92
CA SER D 105 17.99 41.64 -1.85
C SER D 105 16.79 41.80 -2.78
N ARG D 106 16.02 42.86 -2.59
CA ARG D 106 14.87 43.13 -3.46
C ARG D 106 15.35 43.41 -4.87
N GLY D 107 16.61 43.83 -4.99
CA GLY D 107 17.22 44.14 -6.27
C GLY D 107 17.68 42.91 -7.02
N ASP D 108 17.39 41.74 -6.46
CA ASP D 108 17.68 40.47 -7.11
C ASP D 108 16.52 40.08 -8.02
N ILE D 109 15.36 40.68 -7.78
CA ILE D 109 14.17 40.44 -8.58
C ILE D 109 14.28 41.23 -9.87
N PRO D 110 13.99 40.57 -11.01
CA PRO D 110 14.05 41.26 -12.32
C PRO D 110 13.19 42.53 -12.31
N ARG D 111 13.63 43.56 -13.02
CA ARG D 111 13.00 44.88 -12.97
C ARG D 111 11.55 44.90 -13.47
N ALA D 112 11.25 44.13 -14.50
CA ALA D 112 9.88 44.05 -15.03
C ALA D 112 8.89 43.52 -13.99
N CYS D 113 9.42 42.84 -12.97
CA CYS D 113 8.61 42.29 -11.88
C CYS D 113 8.42 43.25 -10.71
N GLN D 114 9.30 44.23 -10.60
CA GLN D 114 9.31 45.19 -9.48
C GLN D 114 7.95 45.84 -9.22
N LYS D 115 7.29 46.28 -10.28
CA LYS D 115 6.03 47.01 -10.14
C LYS D 115 4.84 46.13 -9.79
N SER D 116 5.09 44.85 -9.56
CA SER D 116 4.01 43.90 -9.24
C SER D 116 4.21 43.28 -7.87
N LEU D 117 5.19 43.77 -7.11
CA LEU D 117 5.44 43.26 -5.77
C LEU D 117 4.59 43.98 -4.72
N ARG D 118 4.06 43.22 -3.77
CA ARG D 118 3.26 43.79 -2.69
C ARG D 118 3.10 42.76 -1.55
N PRO D 119 2.80 43.23 -0.33
CA PRO D 119 2.65 42.34 0.83
C PRO D 119 1.70 41.17 0.60
N ALA D 120 2.10 39.99 1.05
CA ALA D 120 1.30 38.77 0.88
C ALA D 120 0.25 38.59 1.98
N PRO D 121 -0.95 38.15 1.59
CA PRO D 121 -2.01 37.80 2.55
C PRO D 121 -1.65 36.49 3.24
N PRO D 122 -2.41 36.08 4.28
CA PRO D 122 -2.12 34.83 4.98
C PRO D 122 -2.03 33.63 4.03
N SER D 123 -3.05 33.45 3.19
CA SER D 123 -3.03 32.35 2.22
C SER D 123 -3.24 32.87 0.80
N PRO D 124 -2.17 33.36 0.15
CA PRO D 124 -2.25 33.87 -1.22
C PRO D 124 -2.44 32.69 -2.18
N LYS D 125 -3.33 32.81 -3.15
CA LYS D 125 -3.56 31.69 -4.05
C LYS D 125 -3.19 32.01 -5.50
N ILE D 126 -2.65 31.01 -6.19
CA ILE D 126 -2.14 31.19 -7.56
C ILE D 126 -3.25 31.61 -8.54
N ASP D 127 -4.44 31.06 -8.36
CA ASP D 127 -5.56 31.37 -9.25
C ASP D 127 -6.14 32.76 -8.95
N ARG D 128 -5.53 33.48 -8.02
CA ARG D 128 -5.98 34.83 -7.72
C ARG D 128 -4.92 35.86 -8.09
N GLY D 129 -3.87 35.42 -8.76
CA GLY D 129 -2.89 36.36 -9.28
C GLY D 129 -1.55 36.30 -8.57
N TRP D 130 -1.46 35.48 -7.52
CA TRP D 130 -0.22 35.35 -6.77
C TRP D 130 0.71 34.33 -7.40
N VAL D 131 1.70 34.82 -8.15
CA VAL D 131 2.61 33.95 -8.87
C VAL D 131 3.58 33.21 -7.94
N CYS D 132 4.18 33.94 -7.00
CA CYS D 132 5.22 33.39 -6.14
C CYS D 132 5.47 34.31 -4.95
N LEU D 133 6.27 33.85 -4.01
CA LEU D 133 6.67 34.70 -2.88
C LEU D 133 8.19 34.88 -2.85
N PHE D 134 8.63 36.13 -2.90
CA PHE D 134 10.06 36.41 -2.82
C PHE D 134 10.48 36.58 -1.38
N LYS D 135 11.27 35.62 -0.91
CA LYS D 135 11.70 35.56 0.46
C LYS D 135 13.13 36.06 0.63
N MET D 136 13.29 37.08 1.47
CA MET D 136 14.61 37.64 1.72
C MET D 136 15.23 36.87 2.87
N GLN D 137 16.55 36.77 2.91
CA GLN D 137 17.18 35.97 3.95
C GLN D 137 17.18 36.70 5.30
N ASP D 138 16.74 37.96 5.30
CA ASP D 138 16.59 38.68 6.58
C ASP D 138 15.20 38.40 7.16
N GLY D 139 14.41 37.60 6.43
CA GLY D 139 13.07 37.22 6.86
C GLY D 139 11.94 37.89 6.09
N LYS D 140 12.10 39.16 5.77
CA LYS D 140 11.08 39.94 5.06
C LYS D 140 10.62 39.21 3.78
N THR D 141 9.34 39.36 3.43
CA THR D 141 8.80 38.63 2.27
C THR D 141 7.88 39.49 1.40
N LEU D 142 8.05 39.41 0.08
CA LEU D 142 7.20 40.13 -0.87
C LEU D 142 6.57 39.18 -1.88
N GLY D 143 5.27 39.32 -2.08
CA GLY D 143 4.57 38.51 -3.05
C GLY D 143 4.58 39.18 -4.41
N LEU D 144 4.57 38.35 -5.46
CA LEU D 144 4.50 38.84 -6.82
C LEU D 144 3.09 38.61 -7.36
N LYS D 145 2.36 39.71 -7.59
CA LYS D 145 0.95 39.64 -7.94
C LYS D 145 0.63 40.19 -9.33
N ILE D 146 0.04 39.37 -10.19
CA ILE D 146 -0.43 39.87 -11.47
C ILE D 146 -1.86 40.40 -11.34
#